data_5ZDM
#
_entry.id   5ZDM
#
_cell.length_a   40.474
_cell.length_b   46.215
_cell.length_c   52.504
_cell.angle_alpha   90.00
_cell.angle_beta   110.27
_cell.angle_gamma   90.00
#
_symmetry.space_group_name_H-M   'P 1 21 1'
#
loop_
_entity.id
_entity.type
_entity.pdbx_description
1 polymer FomD
2 non-polymer 'CALCIUM ION'
3 non-polymer GLYCEROL
4 water water
#
_entity_poly.entity_id   1
_entity_poly.type   'polypeptide(L)'
_entity_poly.pdbx_seq_one_letter_code
;GSHGMTEAASEGTESFAFGAVVERRDELDGRPWISYPVRVVADTPELVAVHLSHGTRLTFGDDPFSWGPHPWQLFGDRWQ
SAGILQLHRPGRGHSVWVLRDADTGAFREWYVNVEAPWRRTPTGFSTLDHEIDLVVPADSRTFRWKDVEKFEERARIGHF
SPEEATAIRAEAADVAREIAAGEQWWDTRWSRWEPPAGWNALLQSFETEGS
;
_entity_poly.pdbx_strand_id   A
#
# COMPACT_ATOMS: atom_id res chain seq x y z
N GLU A 14 -6.02 -20.99 -0.88
CA GLU A 14 -4.61 -20.65 -0.53
C GLU A 14 -4.60 -19.46 0.42
N SER A 15 -3.69 -19.60 1.38
CA SER A 15 -3.43 -18.50 2.33
C SER A 15 -2.03 -18.58 2.78
N PHE A 16 -1.51 -17.44 3.30
CA PHE A 16 -0.28 -17.43 4.02
C PHE A 16 -0.46 -17.49 5.54
N ALA A 17 0.49 -18.08 6.23
CA ALA A 17 0.33 -18.23 7.72
C ALA A 17 0.65 -16.90 8.38
N PHE A 18 0.04 -16.68 9.55
CA PHE A 18 0.42 -15.55 10.41
C PHE A 18 1.90 -15.63 10.63
N GLY A 19 2.61 -14.48 10.54
CA GLY A 19 3.98 -14.31 10.74
C GLY A 19 4.81 -14.70 9.58
N ALA A 20 4.28 -15.25 8.53
CA ALA A 20 5.07 -15.51 7.34
C ALA A 20 5.58 -14.21 6.80
N VAL A 21 6.79 -14.29 6.21
CA VAL A 21 7.38 -13.21 5.45
C VAL A 21 7.13 -13.40 4.00
N VAL A 22 6.36 -12.45 3.45
CA VAL A 22 5.96 -12.49 2.04
C VAL A 22 6.33 -11.24 1.31
N GLU A 23 6.38 -11.32 -0.01
CA GLU A 23 6.67 -10.18 -0.88
C GLU A 23 5.47 -9.28 -1.02
N ARG A 24 5.62 -7.94 -0.95
CA ARG A 24 4.61 -6.97 -1.25
C ARG A 24 5.19 -6.22 -2.44
N ARG A 25 4.57 -6.37 -3.56
CA ARG A 25 5.12 -5.89 -4.83
C ARG A 25 4.18 -4.92 -5.49
N ASP A 26 4.69 -3.82 -6.02
CA ASP A 26 4.03 -3.05 -7.05
C ASP A 26 4.61 -3.47 -8.40
N GLU A 27 3.73 -3.91 -9.31
CA GLU A 27 4.17 -4.44 -10.62
C GLU A 27 3.81 -3.47 -11.68
N LEU A 28 4.77 -3.03 -12.42
CA LEU A 28 4.63 -2.06 -13.55
C LEU A 28 5.36 -2.57 -14.76
N ASP A 29 4.69 -2.41 -15.88
CA ASP A 29 5.28 -2.81 -17.16
C ASP A 29 5.59 -4.30 -17.12
N GLY A 30 4.76 -5.06 -16.46
CA GLY A 30 4.93 -6.49 -16.39
C GLY A 30 6.06 -6.97 -15.53
N ARG A 31 6.65 -6.11 -14.70
CA ARG A 31 7.78 -6.53 -13.84
C ARG A 31 7.77 -5.81 -12.47
N PRO A 32 8.56 -6.24 -11.49
CA PRO A 32 8.44 -5.59 -10.15
C PRO A 32 9.02 -4.15 -10.21
N TRP A 33 8.25 -3.13 -9.84
CA TRP A 33 8.62 -1.75 -9.71
C TRP A 33 9.34 -1.49 -8.42
N ILE A 34 8.61 -1.86 -7.34
CA ILE A 34 9.22 -1.96 -5.98
C ILE A 34 8.70 -3.18 -5.34
N SER A 35 9.50 -3.76 -4.44
CA SER A 35 9.04 -4.90 -3.70
C SER A 35 9.72 -4.78 -2.38
N TYR A 36 9.10 -5.29 -1.34
CA TYR A 36 9.71 -5.34 0.02
C TYR A 36 9.03 -6.47 0.80
N PRO A 37 9.70 -7.07 1.74
CA PRO A 37 9.14 -8.11 2.56
C PRO A 37 8.26 -7.52 3.63
N VAL A 38 7.18 -8.21 3.86
CA VAL A 38 6.23 -7.87 4.93
C VAL A 38 5.88 -9.09 5.74
N ARG A 39 5.40 -8.91 6.97
CA ARG A 39 4.87 -10.04 7.72
C ARG A 39 3.40 -10.07 7.62
N VAL A 40 2.86 -11.28 7.55
CA VAL A 40 1.44 -11.49 7.46
C VAL A 40 0.79 -11.39 8.85
N VAL A 41 -0.16 -10.51 9.02
CA VAL A 41 -0.97 -10.40 10.25
C VAL A 41 -2.27 -11.13 10.10
N ALA A 42 -2.89 -11.02 8.93
CA ALA A 42 -4.17 -11.69 8.61
C ALA A 42 -4.26 -11.99 7.15
N ASP A 43 -4.77 -13.14 6.81
CA ASP A 43 -5.01 -13.53 5.41
C ASP A 43 -6.30 -14.27 5.34
N THR A 44 -7.39 -13.55 5.34
CA THR A 44 -8.74 -14.10 5.44
C THR A 44 -9.56 -13.55 4.26
N PRO A 45 -10.76 -14.15 4.04
CA PRO A 45 -11.56 -13.61 2.93
C PRO A 45 -12.01 -12.17 3.18
N GLU A 46 -12.06 -11.65 4.39
CA GLU A 46 -12.52 -10.31 4.67
C GLU A 46 -11.35 -9.33 4.84
N LEU A 47 -10.13 -9.83 4.98
CA LEU A 47 -9.00 -8.96 5.36
C LEU A 47 -7.70 -9.63 5.04
N VAL A 48 -6.83 -8.96 4.30
CA VAL A 48 -5.36 -9.24 4.23
C VAL A 48 -4.75 -8.10 4.99
N ALA A 49 -3.99 -8.38 5.99
CA ALA A 49 -3.26 -7.37 6.80
C ALA A 49 -1.80 -7.75 6.79
N VAL A 50 -0.92 -6.85 6.37
CA VAL A 50 0.50 -7.08 6.36
C VAL A 50 1.25 -5.94 6.98
N HIS A 51 2.44 -6.20 7.50
CA HIS A 51 3.25 -5.24 8.18
C HIS A 51 4.64 -5.00 7.56
N LEU A 52 4.87 -3.77 7.17
CA LEU A 52 6.16 -3.32 6.79
C LEU A 52 6.90 -2.63 7.97
N SER A 53 7.95 -3.28 8.42
CA SER A 53 8.65 -2.77 9.64
C SER A 53 9.76 -1.76 9.28
N HIS A 54 9.99 -0.87 10.27
CA HIS A 54 11.06 0.07 10.20
C HIS A 54 12.34 -0.65 9.95
N GLY A 55 13.05 -0.05 9.02
CA GLY A 55 14.34 -0.53 8.61
C GLY A 55 14.41 -1.61 7.56
N THR A 56 13.24 -2.03 7.07
CA THR A 56 13.24 -3.06 6.08
C THR A 56 13.82 -2.68 4.75
N ARG A 57 14.42 -3.68 4.14
CA ARG A 57 15.04 -3.51 2.82
C ARG A 57 14.02 -3.33 1.73
N LEU A 58 14.27 -2.37 0.84
CA LEU A 58 13.47 -2.13 -0.36
C LEU A 58 14.20 -2.56 -1.60
N THR A 59 13.53 -3.32 -2.46
CA THR A 59 14.04 -3.74 -3.77
C THR A 59 13.41 -2.93 -4.86
N PHE A 60 14.16 -2.29 -5.72
CA PHE A 60 13.63 -1.53 -6.83
C PHE A 60 13.99 -2.22 -8.14
N GLY A 61 13.07 -2.22 -9.10
CA GLY A 61 13.35 -2.72 -10.42
C GLY A 61 14.32 -1.85 -11.18
N ASP A 62 14.97 -2.44 -12.19
CA ASP A 62 15.82 -1.70 -13.12
C ASP A 62 15.04 -0.72 -13.98
N ASP A 63 15.54 0.50 -14.08
CA ASP A 63 15.04 1.43 -15.06
C ASP A 63 15.26 0.96 -16.50
N PRO A 64 14.48 1.50 -17.42
CA PRO A 64 13.48 2.49 -17.30
C PRO A 64 12.17 1.84 -17.19
N PHE A 65 11.29 2.50 -16.40
CA PHE A 65 9.85 2.24 -16.37
C PHE A 65 9.08 3.37 -17.03
N SER A 66 7.90 3.00 -17.54
CA SER A 66 6.93 3.99 -18.18
C SER A 66 6.54 5.14 -17.29
N TRP A 67 6.62 4.90 -16.01
CA TRP A 67 6.32 5.89 -14.95
C TRP A 67 7.53 6.52 -14.29
N GLY A 68 8.74 6.11 -14.70
CA GLY A 68 9.95 6.51 -14.02
C GLY A 68 10.16 5.67 -12.72
N PRO A 69 11.29 5.91 -12.04
CA PRO A 69 11.66 5.16 -10.87
C PRO A 69 10.70 5.42 -9.70
N HIS A 70 10.58 4.39 -8.90
CA HIS A 70 9.67 4.42 -7.77
C HIS A 70 10.16 5.52 -6.83
N PRO A 71 9.22 6.34 -6.32
CA PRO A 71 9.69 7.47 -5.51
C PRO A 71 10.36 7.12 -4.14
N TRP A 72 10.11 5.94 -3.62
CA TRP A 72 10.79 5.52 -2.37
C TRP A 72 12.28 5.37 -2.52
N GLN A 73 12.76 5.44 -3.76
CA GLN A 73 14.22 5.43 -4.04
C GLN A 73 14.91 6.61 -3.38
N LEU A 74 14.20 7.69 -3.02
CA LEU A 74 14.81 8.73 -2.16
C LEU A 74 15.34 8.25 -0.80
N PHE A 75 14.70 7.24 -0.25
CA PHE A 75 15.19 6.64 1.00
C PHE A 75 16.34 5.73 0.77
N GLY A 76 16.78 5.57 -0.47
CA GLY A 76 17.84 4.59 -0.77
C GLY A 76 17.28 3.17 -0.65
N ASP A 77 17.92 2.28 0.09
CA ASP A 77 17.34 0.93 0.08
C ASP A 77 16.78 0.35 1.36
N ARG A 78 16.48 1.23 2.27
CA ARG A 78 15.79 0.78 3.49
C ARG A 78 14.68 1.74 3.83
N TRP A 79 13.57 1.22 4.42
CA TRP A 79 12.44 2.04 4.89
C TRP A 79 12.94 2.72 6.20
N GLN A 80 13.00 4.03 6.14
CA GLN A 80 13.55 4.82 7.23
C GLN A 80 12.57 5.28 8.25
N SER A 81 11.28 5.21 7.95
CA SER A 81 10.25 5.76 8.78
C SER A 81 9.59 4.71 9.69
N ALA A 82 8.54 5.12 10.35
CA ALA A 82 7.80 4.19 11.24
C ALA A 82 7.17 3.07 10.38
N GLY A 83 7.00 1.90 10.96
CA GLY A 83 6.41 0.75 10.29
C GLY A 83 4.96 1.08 9.87
N ILE A 84 4.55 0.36 8.85
CA ILE A 84 3.23 0.53 8.24
C ILE A 84 2.49 -0.81 8.34
N LEU A 85 1.32 -0.77 8.97
CA LEU A 85 0.33 -1.82 8.84
C LEU A 85 -0.59 -1.50 7.65
N GLN A 86 -0.66 -2.41 6.68
CA GLN A 86 -1.57 -2.25 5.48
C GLN A 86 -2.76 -3.19 5.60
N LEU A 87 -3.92 -2.63 5.47
CA LEU A 87 -5.16 -3.36 5.59
C LEU A 87 -5.85 -3.40 4.25
N HIS A 88 -6.17 -4.61 3.73
CA HIS A 88 -6.75 -4.77 2.41
C HIS A 88 -7.99 -5.63 2.46
N ARG A 89 -9.10 -5.15 1.93
CA ARG A 89 -10.30 -5.95 1.75
C ARG A 89 -10.24 -6.62 0.39
N PRO A 90 -10.14 -7.96 0.33
CA PRO A 90 -9.95 -8.59 -0.97
C PRO A 90 -10.99 -8.10 -1.97
N GLY A 91 -10.50 -7.89 -3.21
CA GLY A 91 -11.28 -7.41 -4.30
C GLY A 91 -11.35 -5.97 -4.40
N ARG A 92 -11.06 -5.18 -3.37
CA ARG A 92 -11.20 -3.71 -3.47
C ARG A 92 -9.97 -3.14 -4.07
N GLY A 93 -10.14 -2.04 -4.83
CA GLY A 93 -9.02 -1.32 -5.43
C GLY A 93 -8.31 -0.25 -4.57
N HIS A 94 -8.03 -0.68 -3.34
CA HIS A 94 -7.25 0.15 -2.40
C HIS A 94 -6.81 -0.74 -1.24
N SER A 95 -5.94 -0.14 -0.44
CA SER A 95 -5.62 -0.64 0.88
C SER A 95 -5.60 0.57 1.81
N VAL A 96 -5.62 0.33 3.12
CA VAL A 96 -5.65 1.37 4.15
C VAL A 96 -4.45 1.20 5.00
N TRP A 97 -3.60 2.21 5.05
CA TRP A 97 -2.35 2.17 5.82
C TRP A 97 -2.56 2.89 7.14
N VAL A 98 -2.07 2.27 8.20
CA VAL A 98 -2.10 2.82 9.55
C VAL A 98 -0.81 3.62 9.72
N LEU A 99 -0.91 4.93 9.64
CA LEU A 99 0.36 5.76 9.68
C LEU A 99 0.57 6.33 11.10
N ARG A 100 1.79 6.23 11.56
CA ARG A 100 2.17 6.71 12.89
C ARG A 100 3.25 7.70 12.81
N ASP A 101 3.35 8.47 13.89
CA ASP A 101 4.38 9.52 13.99
C ASP A 101 5.73 8.85 14.21
N ALA A 102 6.74 9.19 13.40
CA ALA A 102 8.10 8.61 13.55
C ALA A 102 8.72 8.82 14.94
N ASP A 103 8.44 9.96 15.58
CA ASP A 103 9.10 10.29 16.88
C ASP A 103 8.40 9.73 18.09
N THR A 104 7.06 9.80 18.10
CA THR A 104 6.30 9.38 19.28
C THR A 104 5.65 8.01 19.20
N GLY A 105 5.48 7.53 17.98
CA GLY A 105 4.76 6.31 17.74
C GLY A 105 3.26 6.51 17.79
N ALA A 106 2.79 7.75 17.91
CA ALA A 106 1.37 7.99 18.07
C ALA A 106 0.71 7.70 16.69
N PHE A 107 -0.48 7.19 16.78
CA PHE A 107 -1.28 6.94 15.57
C PHE A 107 -1.59 8.33 15.02
N ARG A 108 -1.37 8.56 13.70
CA ARG A 108 -1.60 9.85 13.11
C ARG A 108 -2.82 9.88 12.14
N GLU A 109 -2.84 8.89 11.21
CA GLU A 109 -3.84 8.94 10.20
C GLU A 109 -4.00 7.63 9.51
N TRP A 110 -5.21 7.44 8.92
CA TRP A 110 -5.54 6.36 8.01
C TRP A 110 -5.25 6.87 6.63
N TYR A 111 -4.43 6.17 5.90
CA TYR A 111 -4.02 6.61 4.53
C TYR A 111 -4.54 5.60 3.52
N VAL A 112 -5.55 6.01 2.78
CA VAL A 112 -6.21 5.13 1.81
C VAL A 112 -5.38 5.21 0.49
N ASN A 113 -4.70 4.12 0.16
CA ASN A 113 -3.89 4.05 -1.01
C ASN A 113 -4.65 3.33 -2.08
N VAL A 114 -5.19 4.09 -3.05
CA VAL A 114 -5.93 3.50 -4.16
C VAL A 114 -4.91 2.84 -5.07
N GLU A 115 -5.17 1.63 -5.42
CA GLU A 115 -4.20 0.73 -6.09
C GLU A 115 -4.92 -0.49 -6.60
N ALA A 116 -4.24 -1.29 -7.43
CA ALA A 116 -4.94 -2.44 -7.99
C ALA A 116 -5.37 -3.42 -6.84
N PRO A 117 -6.52 -4.05 -6.99
CA PRO A 117 -6.88 -5.14 -6.03
C PRO A 117 -5.72 -6.09 -5.89
N TRP A 118 -5.38 -6.52 -4.74
CA TRP A 118 -4.18 -7.31 -4.54
C TRP A 118 -4.32 -8.65 -5.24
N ARG A 119 -3.25 -9.11 -5.87
CA ARG A 119 -3.16 -10.39 -6.53
C ARG A 119 -2.28 -11.31 -5.69
N ARG A 120 -2.70 -12.52 -5.47
CA ARG A 120 -1.87 -13.48 -4.72
C ARG A 120 -0.92 -14.13 -5.68
N THR A 121 0.28 -14.22 -5.31
CA THR A 121 1.38 -14.77 -6.08
C THR A 121 2.00 -15.86 -5.25
N PRO A 122 2.86 -16.70 -5.85
CA PRO A 122 3.55 -17.71 -5.00
C PRO A 122 4.42 -17.10 -3.96
N THR A 123 4.83 -15.85 -4.06
CA THR A 123 5.77 -15.23 -3.16
C THR A 123 5.08 -14.22 -2.21
N GLY A 124 3.83 -13.82 -2.46
CA GLY A 124 3.18 -12.77 -1.69
C GLY A 124 1.99 -12.17 -2.43
N PHE A 125 1.97 -10.85 -2.45
CA PHE A 125 0.91 -10.11 -3.04
C PHE A 125 1.46 -9.08 -3.99
N SER A 126 0.79 -8.84 -5.07
CA SER A 126 1.14 -7.85 -6.04
C SER A 126 -0.03 -6.87 -6.26
N THR A 127 0.32 -5.63 -6.46
CA THR A 127 -0.60 -4.55 -6.68
C THR A 127 0.08 -3.52 -7.57
N LEU A 128 -0.48 -2.33 -7.66
CA LEU A 128 0.13 -1.20 -8.35
C LEU A 128 -0.53 0.10 -7.91
N ASP A 129 0.23 1.04 -7.44
CA ASP A 129 -0.32 2.34 -6.96
C ASP A 129 -1.12 2.99 -8.06
N HIS A 130 -2.29 3.55 -7.75
CA HIS A 130 -3.20 4.24 -8.68
C HIS A 130 -3.34 5.73 -8.41
N GLU A 131 -2.33 6.32 -7.78
CA GLU A 131 -2.10 7.74 -7.54
C GLU A 131 -3.10 8.39 -6.57
N ILE A 132 -4.40 8.31 -6.78
CA ILE A 132 -5.33 8.96 -5.86
C ILE A 132 -5.12 8.36 -4.45
N ASP A 133 -5.13 9.22 -3.45
CA ASP A 133 -5.07 8.77 -2.03
C ASP A 133 -6.14 9.54 -1.31
N LEU A 134 -6.60 8.98 -0.17
CA LEU A 134 -7.52 9.68 0.77
C LEU A 134 -6.89 9.63 2.12
N VAL A 135 -7.07 10.67 2.87
CA VAL A 135 -6.49 10.72 4.21
C VAL A 135 -7.57 11.00 5.27
N VAL A 136 -7.60 10.15 6.27
CA VAL A 136 -8.56 10.31 7.39
C VAL A 136 -7.68 10.57 8.64
N PRO A 137 -7.75 11.74 9.26
CA PRO A 137 -6.93 11.99 10.45
C PRO A 137 -7.46 11.11 11.56
N ALA A 138 -6.59 10.88 12.52
CA ALA A 138 -6.92 10.03 13.67
C ALA A 138 -8.20 10.41 14.42
N ASP A 139 -8.45 11.72 14.49
CA ASP A 139 -9.66 12.17 15.23
C ASP A 139 -11.01 11.83 14.52
N SER A 140 -10.94 11.40 13.22
CA SER A 140 -12.06 11.04 12.42
C SER A 140 -13.05 12.20 12.24
N ARG A 141 -12.62 13.48 12.32
CA ARG A 141 -13.51 14.61 12.13
C ARG A 141 -13.91 14.68 10.68
N THR A 142 -12.97 14.46 9.77
CA THR A 142 -13.20 14.68 8.31
C THR A 142 -12.22 13.79 7.58
N PHE A 143 -12.24 13.93 6.27
CA PHE A 143 -11.25 13.26 5.44
C PHE A 143 -10.91 14.18 4.26
N ARG A 144 -9.80 13.88 3.59
CA ARG A 144 -9.44 14.65 2.42
C ARG A 144 -9.08 13.77 1.26
N TRP A 145 -9.43 14.23 0.04
CA TRP A 145 -8.96 13.61 -1.17
C TRP A 145 -7.53 14.15 -1.36
N LYS A 146 -6.68 13.38 -2.02
CA LYS A 146 -5.29 13.74 -2.31
C LYS A 146 -4.86 13.32 -3.70
N ASP A 147 -4.18 14.17 -4.41
CA ASP A 147 -3.55 13.88 -5.67
C ASP A 147 -4.50 13.61 -6.80
N VAL A 148 -5.72 14.14 -6.73
CA VAL A 148 -6.68 13.94 -7.83
C VAL A 148 -6.18 14.60 -9.14
N GLU A 149 -5.75 15.84 -9.05
CA GLU A 149 -5.34 16.51 -10.26
C GLU A 149 -4.05 15.92 -10.76
N LYS A 150 -3.15 15.46 -9.89
CA LYS A 150 -1.92 14.76 -10.28
C LYS A 150 -2.28 13.48 -11.06
N PHE A 151 -3.23 12.73 -10.53
CA PHE A 151 -3.76 11.55 -11.22
C PHE A 151 -4.29 11.92 -12.64
N GLU A 152 -5.14 12.97 -12.65
CA GLU A 152 -5.71 13.30 -13.93
C GLU A 152 -4.68 13.68 -14.99
N GLU A 153 -3.65 14.40 -14.58
CA GLU A 153 -2.56 14.71 -15.51
C GLU A 153 -1.84 13.47 -16.01
N ARG A 154 -1.53 12.56 -15.07
CA ARG A 154 -1.00 11.33 -15.51
C ARG A 154 -1.89 10.51 -16.40
N ALA A 155 -3.18 10.46 -16.16
CA ALA A 155 -4.09 9.77 -17.07
C ALA A 155 -4.02 10.45 -18.47
N ARG A 156 -4.02 11.77 -18.52
N ARG A 156 -4.04 11.77 -18.50
CA ARG A 156 -3.96 12.51 -19.81
CA ARG A 156 -3.97 12.47 -19.77
C ARG A 156 -2.69 12.24 -20.63
C ARG A 156 -2.84 11.96 -20.57
N ILE A 157 -1.62 11.98 -19.97
CA ILE A 157 -0.36 11.66 -20.68
C ILE A 157 -0.18 10.11 -20.88
N GLY A 158 -1.19 9.28 -20.52
CA GLY A 158 -1.19 7.90 -20.86
C GLY A 158 -0.65 6.93 -19.83
N HIS A 159 -0.40 7.35 -18.57
CA HIS A 159 0.01 6.41 -17.56
C HIS A 159 -1.05 5.45 -17.21
N PHE A 160 -2.31 5.81 -17.40
CA PHE A 160 -3.49 5.00 -17.18
C PHE A 160 -4.34 5.01 -18.39
N SER A 161 -4.81 3.86 -18.81
CA SER A 161 -5.77 3.84 -19.87
C SER A 161 -7.11 4.39 -19.51
N PRO A 162 -7.98 4.75 -20.49
CA PRO A 162 -9.29 5.25 -20.08
C PRO A 162 -10.08 4.27 -19.21
N GLU A 163 -9.99 2.99 -19.50
CA GLU A 163 -10.74 2.00 -18.67
C GLU A 163 -10.15 1.90 -17.32
N GLU A 164 -8.85 1.97 -17.21
CA GLU A 164 -8.20 1.96 -15.91
C GLU A 164 -8.52 3.16 -15.12
N ALA A 165 -8.48 4.37 -15.73
CA ALA A 165 -8.75 5.56 -15.04
C ALA A 165 -10.21 5.67 -14.62
N THR A 166 -11.21 5.16 -15.34
CA THR A 166 -12.52 5.19 -14.89
C THR A 166 -12.70 4.26 -13.66
N ALA A 167 -12.02 3.13 -13.65
CA ALA A 167 -12.11 2.19 -12.53
C ALA A 167 -11.51 2.88 -11.30
N ILE A 168 -10.39 3.56 -11.43
CA ILE A 168 -9.75 4.24 -10.35
C ILE A 168 -10.61 5.32 -9.78
N ARG A 169 -11.18 6.19 -10.61
CA ARG A 169 -12.08 7.23 -10.15
C ARG A 169 -13.30 6.61 -9.42
N ALA A 170 -13.81 5.50 -9.88
CA ALA A 170 -14.99 4.93 -9.24
C ALA A 170 -14.62 4.37 -7.89
N GLU A 171 -13.45 3.74 -7.83
CA GLU A 171 -13.02 3.16 -6.53
C GLU A 171 -12.82 4.27 -5.55
N ALA A 172 -12.18 5.35 -5.90
CA ALA A 172 -11.89 6.41 -4.94
C ALA A 172 -13.18 7.05 -4.49
N ALA A 173 -14.11 7.21 -5.42
CA ALA A 173 -15.42 7.79 -5.08
C ALA A 173 -16.15 6.86 -4.13
N ASP A 174 -16.05 5.59 -4.35
CA ASP A 174 -16.77 4.60 -3.47
C ASP A 174 -16.19 4.75 -2.07
N VAL A 175 -14.90 4.76 -1.91
CA VAL A 175 -14.35 4.86 -0.56
C VAL A 175 -14.70 6.16 0.04
N ALA A 176 -14.69 7.27 -0.68
CA ALA A 176 -15.05 8.54 -0.09
C ALA A 176 -16.51 8.55 0.36
N ARG A 177 -17.42 7.95 -0.38
CA ARG A 177 -18.83 7.85 -0.04
C ARG A 177 -18.98 7.00 1.19
N GLU A 178 -18.29 5.89 1.25
CA GLU A 178 -18.30 5.07 2.48
C GLU A 178 -17.84 5.83 3.70
N ILE A 179 -16.71 6.51 3.63
CA ILE A 179 -16.22 7.22 4.78
C ILE A 179 -17.27 8.25 5.17
N ALA A 180 -17.71 9.05 4.27
CA ALA A 180 -18.63 10.09 4.60
C ALA A 180 -19.99 9.56 5.20
N ALA A 181 -20.42 8.36 4.87
CA ALA A 181 -21.58 7.77 5.40
C ALA A 181 -21.33 7.05 6.73
N GLY A 182 -20.10 7.11 7.24
CA GLY A 182 -19.75 6.36 8.50
C GLY A 182 -19.66 4.88 8.33
N GLU A 183 -19.48 4.45 7.08
CA GLU A 183 -19.57 3.03 6.74
C GLU A 183 -18.24 2.52 6.23
N GLN A 184 -17.16 3.18 6.65
N GLN A 184 -17.16 3.10 6.64
CA GLN A 184 -15.75 2.77 6.33
CA GLN A 184 -15.92 2.58 6.10
C GLN A 184 -15.61 1.25 6.65
C GLN A 184 -15.76 1.15 6.55
N TRP A 185 -15.08 0.35 5.76
CA TRP A 185 -15.13 -1.09 5.90
C TRP A 185 -14.24 -1.54 7.09
N TRP A 186 -13.21 -0.78 7.37
CA TRP A 186 -12.14 -1.20 8.29
C TRP A 186 -12.53 -0.96 9.73
N ASP A 187 -11.95 -1.77 10.58
CA ASP A 187 -12.14 -1.68 12.05
C ASP A 187 -11.10 -0.69 12.58
N THR A 188 -11.49 0.49 13.12
CA THR A 188 -10.57 1.45 13.54
C THR A 188 -9.73 1.06 14.75
N ARG A 189 -10.17 -0.04 15.45
CA ARG A 189 -9.41 -0.55 16.55
C ARG A 189 -8.00 -0.98 16.13
N TRP A 190 -7.82 -1.23 14.82
CA TRP A 190 -6.46 -1.49 14.33
C TRP A 190 -5.45 -0.40 14.59
N SER A 191 -5.93 0.82 14.89
CA SER A 191 -5.04 1.88 15.18
C SER A 191 -4.30 1.67 16.50
N ARG A 192 -4.71 0.74 17.35
CA ARG A 192 -4.02 0.42 18.60
C ARG A 192 -3.08 -0.76 18.50
N TRP A 193 -3.11 -1.43 17.33
CA TRP A 193 -2.29 -2.65 17.16
C TRP A 193 -0.84 -2.22 17.21
N GLU A 194 -0.04 -3.08 17.79
CA GLU A 194 1.38 -2.91 17.74
C GLU A 194 2.02 -4.21 17.36
N PRO A 195 3.13 -4.14 16.63
CA PRO A 195 3.74 -5.45 16.24
C PRO A 195 4.31 -6.21 17.48
N PRO A 196 4.33 -7.54 17.39
CA PRO A 196 5.14 -8.32 18.34
C PRO A 196 6.56 -7.80 18.45
N ALA A 197 7.14 -7.93 19.62
CA ALA A 197 8.42 -7.38 19.90
C ALA A 197 9.48 -7.85 18.96
N GLY A 198 9.40 -9.09 18.51
CA GLY A 198 10.37 -9.65 17.59
C GLY A 198 10.25 -9.26 16.13
N TRP A 199 9.23 -8.46 15.78
CA TRP A 199 8.95 -8.06 14.37
C TRP A 199 9.81 -6.86 14.03
N ASN A 200 11.11 -7.08 13.72
CA ASN A 200 11.98 -5.98 13.45
C ASN A 200 12.27 -5.82 11.96
N ALA A 201 13.37 -5.15 11.59
CA ALA A 201 13.65 -4.96 10.17
C ALA A 201 13.78 -6.28 9.47
N LEU A 202 13.24 -6.37 8.24
CA LEU A 202 13.40 -7.53 7.39
C LEU A 202 14.40 -7.18 6.30
N LEU A 203 15.37 -8.05 6.06
CA LEU A 203 16.49 -7.71 5.19
C LEU A 203 16.38 -8.37 3.86
N GLN A 204 15.41 -9.26 3.62
N GLN A 204 15.42 -9.28 3.64
CA GLN A 204 15.24 -9.98 2.38
CA GLN A 204 15.12 -9.94 2.38
C GLN A 204 15.15 -8.99 1.17
C GLN A 204 15.15 -8.95 1.17
N SER A 205 15.99 -9.27 0.15
CA SER A 205 15.97 -8.67 -1.16
C SER A 205 15.20 -9.61 -2.12
N PHE A 206 14.45 -8.98 -3.02
CA PHE A 206 13.75 -9.65 -4.12
C PHE A 206 14.40 -9.45 -5.50
N GLU A 207 15.61 -8.93 -5.48
CA GLU A 207 16.36 -8.70 -6.71
C GLU A 207 16.64 -10.03 -7.33
N THR A 208 16.52 -10.03 -8.67
CA THR A 208 16.91 -11.10 -9.64
C THR A 208 18.06 -10.72 -10.56
N GLU A 209 19.24 -10.77 -9.99
CA GLU A 209 20.37 -10.20 -10.72
C GLU A 209 20.58 -10.99 -12.01
N GLY A 210 21.01 -10.29 -13.03
CA GLY A 210 21.19 -10.89 -14.38
C GLY A 210 19.99 -10.69 -15.26
N SER A 211 18.86 -10.33 -14.69
CA SER A 211 17.81 -9.59 -15.19
C SER A 211 16.53 -10.10 -14.72
#